data_6QZC
#
_entry.id   6QZC
#
_cell.length_a   90.060
_cell.length_b   116.080
_cell.length_c   43.680
_cell.angle_alpha   90.000
_cell.angle_beta   90.000
_cell.angle_gamma   90.000
#
_symmetry.space_group_name_H-M   'P 21 21 2'
#
loop_
_entity.id
_entity.type
_entity.pdbx_description
1 polymer 'HLA class II histocompatibility antigen, DR alpha chain'
2 polymer 'HLA class II histocompatibility antigen, DRB1-1 beta chain'
3 polymer M1-208-222-QAR-Peptide
4 non-polymer DI(HYDROXYETHYL)ETHER
5 non-polymer 1,2-ETHANEDIOL
6 non-polymer GLYCEROL
7 non-polymer 'SULFATE ION'
8 water water
#
loop_
_entity_poly.entity_id
_entity_poly.type
_entity_poly.pdbx_seq_one_letter_code
_entity_poly.pdbx_strand_id
1 'polypeptide(L)'
;EEHVIIQAEFYLNPDQSGEFMFDFDGDEIFHVDMAKKETVWRLEEFGRFASFEAQGALANIAVDKANLEIMTKRSNYTPI
TNVPPEVTVLTNSPVELREPNVLICFIDKFTPPVVNVTWLRNGKPVTTGVSETVFLPREDHLFRKFHYLPFLPSTEDVYD
CRVEHWGLDEPLLKHWEFDA
;
AAA
2 'polypeptide(L)'
;MGDTRPRFLWQLKFECHFFNGTERVRLLER(CSO)IYNQEESVRFDSDVGEYRAVTELGRPDAEYWNSQKDLLEQRRAAV
DTYCRHNYGVGESFTVQRRVEPKVTVYPSKTQPLQHHNLLVCSVSGFYPGSIEVRWFRNGQEEKAGVVSTGLIQNGDWTF
QTLVMLETVPRSGEVYTCQVEHPSVTSPLTVEWRA
;
BBB
3 'polypeptide(L)' QARQMVQAMRTIGTHP CCC
#
loop_
_chem_comp.id
_chem_comp.type
_chem_comp.name
_chem_comp.formula
EDO non-polymer 1,2-ETHANEDIOL 'C2 H6 O2'
GOL non-polymer GLYCEROL 'C3 H8 O3'
PEG non-polymer DI(HYDROXYETHYL)ETHER 'C4 H10 O3'
SO4 non-polymer 'SULFATE ION' 'O4 S -2'
#
# COMPACT_ATOMS: atom_id res chain seq x y z
N GLU A 1 -15.70 10.31 -2.45
CA GLU A 1 -14.78 10.01 -3.59
C GLU A 1 -14.83 8.51 -3.86
N GLU A 2 -15.17 8.09 -5.07
CA GLU A 2 -15.20 6.65 -5.42
C GLU A 2 -13.75 6.14 -5.37
N HIS A 3 -12.81 6.64 -6.17
CA HIS A 3 -11.49 5.96 -6.37
C HIS A 3 -10.35 6.93 -6.73
N VAL A 4 -9.12 6.49 -6.48
CA VAL A 4 -7.89 7.27 -6.81
C VAL A 4 -6.88 6.34 -7.47
N ILE A 5 -6.45 6.67 -8.68
CA ILE A 5 -5.29 6.04 -9.39
C ILE A 5 -4.09 7.00 -9.29
N ILE A 6 -2.97 6.49 -8.79
CA ILE A 6 -1.73 7.30 -8.68
C ILE A 6 -0.62 6.64 -9.50
N GLN A 7 0.03 7.43 -10.35
CA GLN A 7 1.34 7.11 -10.98
C GLN A 7 2.40 7.75 -10.10
N ALA A 8 3.13 6.93 -9.35
CA ALA A 8 4.14 7.40 -8.39
C ALA A 8 5.54 6.97 -8.87
N GLU A 9 6.45 7.92 -9.00
CA GLU A 9 7.84 7.60 -9.36
C GLU A 9 8.76 8.37 -8.41
N PHE A 10 9.99 7.91 -8.31
CA PHE A 10 11.01 8.56 -7.49
C PHE A 10 12.38 8.25 -8.06
N TYR A 11 13.32 9.14 -7.72
CA TYR A 11 14.77 8.93 -7.86
C TYR A 11 15.43 9.37 -6.57
N LEU A 12 16.36 8.52 -6.14
CA LEU A 12 17.14 8.66 -4.90
C LEU A 12 18.64 8.66 -5.20
N ASN A 13 19.30 9.69 -4.67
CA ASN A 13 20.77 9.82 -4.75
C ASN A 13 21.30 9.77 -3.34
N PRO A 14 22.54 9.25 -3.08
CA PRO A 14 23.45 8.67 -4.09
C PRO A 14 23.27 7.19 -4.42
N ASP A 15 22.17 6.60 -3.94
CA ASP A 15 21.89 5.16 -4.20
C ASP A 15 21.64 4.86 -5.68
N GLN A 16 21.25 5.85 -6.49
CA GLN A 16 20.92 5.66 -7.94
C GLN A 16 19.74 4.67 -8.03
N SER A 17 18.73 4.87 -7.21
CA SER A 17 17.53 4.00 -7.16
C SER A 17 16.37 4.78 -7.77
N GLY A 18 15.76 4.20 -8.77
CA GLY A 18 14.56 4.74 -9.44
C GLY A 18 13.41 3.76 -9.34
N GLU A 19 12.21 4.27 -9.15
CA GLU A 19 11.02 3.41 -9.14
C GLU A 19 9.89 4.10 -9.90
N PHE A 20 9.08 3.25 -10.56
CA PHE A 20 7.89 3.68 -11.33
C PHE A 20 6.79 2.66 -11.05
N MET A 21 5.68 3.11 -10.48
CA MET A 21 4.53 2.22 -10.22
C MET A 21 3.18 2.98 -10.36
N PHE A 22 2.11 2.22 -10.52
CA PHE A 22 0.71 2.70 -10.41
C PHE A 22 0.05 2.04 -9.20
N ASP A 23 -0.75 2.82 -8.48
CA ASP A 23 -1.52 2.49 -7.26
C ASP A 23 -3.01 2.72 -7.58
N PHE A 24 -3.87 1.81 -7.14
CA PHE A 24 -5.33 1.97 -7.11
C PHE A 24 -5.81 1.79 -5.67
N ASP A 25 -6.36 2.85 -5.06
CA ASP A 25 -6.93 2.85 -3.69
C ASP A 25 -5.95 2.14 -2.73
N GLY A 26 -4.65 2.37 -2.90
CA GLY A 26 -3.64 1.92 -1.92
C GLY A 26 -2.98 0.62 -2.30
N ASP A 27 -3.40 -0.04 -3.38
CA ASP A 27 -2.83 -1.34 -3.83
C ASP A 27 -2.04 -1.10 -5.10
N GLU A 28 -0.94 -1.81 -5.29
CA GLU A 28 -0.11 -1.65 -6.51
C GLU A 28 -0.78 -2.37 -7.69
N ILE A 29 -0.97 -1.68 -8.81
CA ILE A 29 -1.40 -2.34 -10.08
C ILE A 29 -0.18 -3.01 -10.70
N PHE A 30 0.93 -2.26 -10.88
CA PHE A 30 2.17 -2.76 -11.50
C PHE A 30 3.31 -1.81 -11.16
N HIS A 31 4.50 -2.28 -11.38
CA HIS A 31 5.73 -1.45 -11.37
C HIS A 31 6.56 -1.82 -12.57
N VAL A 32 7.55 -1.00 -12.91
CA VAL A 32 8.51 -1.37 -13.97
C VAL A 32 9.84 -1.80 -13.30
N ASP A 33 10.33 -2.99 -13.63
CA ASP A 33 11.64 -3.52 -13.19
C ASP A 33 12.69 -2.74 -13.97
N MET A 34 13.48 -1.90 -13.30
CA MET A 34 14.43 -1.00 -14.00
C MET A 34 15.54 -1.83 -14.61
N ALA A 35 15.95 -2.94 -13.99
CA ALA A 35 17.04 -3.79 -14.51
C ALA A 35 16.57 -4.56 -15.75
N LYS A 36 15.46 -5.28 -15.68
CA LYS A 36 15.00 -6.11 -16.84
C LYS A 36 14.25 -5.24 -17.85
N LYS A 37 13.87 -4.00 -17.49
CA LYS A 37 13.19 -3.04 -18.38
C LYS A 37 11.82 -3.64 -18.76
N GLU A 38 11.07 -4.13 -17.80
CA GLU A 38 9.77 -4.81 -18.11
C GLU A 38 8.73 -4.47 -17.05
N THR A 39 7.47 -4.47 -17.49
CA THR A 39 6.26 -4.28 -16.66
C THR A 39 6.08 -5.54 -15.80
N VAL A 40 5.92 -5.37 -14.49
CA VAL A 40 5.62 -6.51 -13.56
C VAL A 40 4.26 -6.25 -12.91
N TRP A 41 3.27 -7.03 -13.28
CA TRP A 41 1.89 -6.82 -12.77
C TRP A 41 1.83 -7.39 -11.36
N ARG A 42 1.17 -6.72 -10.43
CA ARG A 42 1.07 -7.19 -9.03
C ARG A 42 0.39 -8.56 -8.93
N LEU A 43 -0.70 -8.74 -9.68
CA LEU A 43 -1.38 -10.04 -9.84
C LEU A 43 -1.24 -10.40 -11.32
N GLU A 44 -0.77 -11.59 -11.61
CA GLU A 44 -0.48 -12.01 -13.01
C GLU A 44 -1.68 -11.72 -13.91
N GLU A 45 -2.90 -11.96 -13.43
CA GLU A 45 -4.13 -11.86 -14.26
C GLU A 45 -4.28 -10.43 -14.80
N PHE A 46 -3.72 -9.42 -14.14
CA PHE A 46 -3.90 -8.01 -14.59
C PHE A 46 -3.33 -7.87 -16.01
N GLY A 47 -2.25 -8.60 -16.31
CA GLY A 47 -1.49 -8.56 -17.58
C GLY A 47 -2.27 -9.19 -18.70
N ARG A 48 -3.32 -9.93 -18.37
CA ARG A 48 -4.29 -10.49 -19.36
C ARG A 48 -5.16 -9.39 -19.95
N PHE A 49 -5.39 -8.30 -19.24
CA PHE A 49 -6.42 -7.27 -19.58
C PHE A 49 -5.82 -5.90 -19.86
N ALA A 50 -4.57 -5.64 -19.53
CA ALA A 50 -3.95 -4.35 -19.86
C ALA A 50 -2.49 -4.58 -20.26
N SER A 51 -1.90 -3.58 -20.91
CA SER A 51 -0.45 -3.58 -21.16
C SER A 51 0.14 -2.18 -20.91
N PHE A 52 1.44 -2.13 -20.70
CA PHE A 52 2.15 -0.86 -20.50
C PHE A 52 3.50 -0.96 -21.18
N GLU A 53 3.90 0.11 -21.87
CA GLU A 53 5.20 0.19 -22.57
C GLU A 53 6.24 0.66 -21.55
N ALA A 54 7.07 -0.26 -21.09
CA ALA A 54 8.05 -0.01 -20.02
C ALA A 54 9.05 1.09 -20.40
N GLN A 55 9.37 1.28 -21.70
CA GLN A 55 10.42 2.26 -22.08
C GLN A 55 9.99 3.68 -21.69
N GLY A 56 8.68 3.96 -21.67
CA GLY A 56 8.11 5.23 -21.18
C GLY A 56 8.54 5.53 -19.75
N ALA A 57 8.44 4.53 -18.87
CA ALA A 57 8.92 4.62 -17.47
C ALA A 57 10.45 4.86 -17.44
N LEU A 58 11.26 4.17 -18.25
CA LEU A 58 12.74 4.42 -18.17
C LEU A 58 13.06 5.86 -18.58
N ALA A 59 12.32 6.46 -19.55
CA ALA A 59 12.61 7.84 -19.97
C ALA A 59 12.20 8.80 -18.85
N ASN A 60 11.07 8.54 -18.17
CA ASN A 60 10.60 9.41 -17.06
C ASN A 60 11.68 9.42 -15.96
N ILE A 61 12.29 8.28 -15.69
CA ILE A 61 13.25 8.13 -14.55
C ILE A 61 14.52 8.93 -14.87
N ALA A 62 14.95 8.94 -16.12
CA ALA A 62 16.11 9.72 -16.58
C ALA A 62 15.83 11.20 -16.31
N VAL A 63 14.63 11.66 -16.64
CA VAL A 63 14.23 13.07 -16.39
C VAL A 63 14.19 13.28 -14.89
N ASP A 64 13.58 12.36 -14.12
CA ASP A 64 13.45 12.55 -12.66
C ASP A 64 14.85 12.69 -12.02
N LYS A 65 15.81 11.88 -12.47
CA LYS A 65 17.21 11.93 -11.94
C LYS A 65 17.82 13.29 -12.27
N ALA A 66 17.70 13.73 -13.52
CA ALA A 66 18.22 15.04 -13.98
C ALA A 66 17.61 16.13 -13.08
N ASN A 67 16.33 15.97 -12.71
CA ASN A 67 15.62 17.03 -11.92
C ASN A 67 16.03 16.97 -10.44
N LEU A 68 16.29 15.79 -9.92
CA LEU A 68 16.79 15.63 -8.53
C LEU A 68 18.10 16.44 -8.41
N GLU A 69 18.97 16.32 -9.39
CA GLU A 69 20.29 17.02 -9.37
C GLU A 69 20.07 18.53 -9.32
N ILE A 70 19.16 19.06 -10.13
CA ILE A 70 18.82 20.50 -10.09
C ILE A 70 18.28 20.89 -8.71
N MET A 71 17.33 20.11 -8.20
CA MET A 71 16.62 20.44 -6.96
C MET A 71 17.60 20.33 -5.79
N THR A 72 18.53 19.39 -5.88
CA THR A 72 19.54 19.19 -4.81
C THR A 72 20.35 20.48 -4.65
N LYS A 73 20.92 20.99 -5.72
CA LYS A 73 21.65 22.29 -5.77
C LYS A 73 20.76 23.47 -5.34
N ARG A 74 19.54 23.57 -5.88
CA ARG A 74 18.61 24.70 -5.62
C ARG A 74 18.27 24.78 -4.13
N SER A 75 18.28 23.65 -3.41
CA SER A 75 17.97 23.57 -1.96
C SER A 75 19.22 23.90 -1.12
N ASN A 76 20.33 24.25 -1.76
CA ASN A 76 21.64 24.41 -1.07
C ASN A 76 22.02 23.07 -0.42
N TYR A 77 21.84 21.97 -1.16
CA TYR A 77 22.22 20.60 -0.75
C TYR A 77 21.56 20.26 0.60
N THR A 78 20.24 20.53 0.77
CA THR A 78 19.46 20.11 1.96
C THR A 78 19.14 18.63 1.81
N PRO A 79 19.65 17.73 2.70
CA PRO A 79 19.40 16.31 2.62
C PRO A 79 18.08 15.93 3.30
N ILE A 80 17.60 14.76 3.01
CA ILE A 80 16.36 14.25 3.65
C ILE A 80 16.65 13.95 5.12
N THR A 81 15.69 14.26 6.00
CA THR A 81 15.65 13.74 7.38
C THR A 81 15.15 12.31 7.33
N ASN A 82 15.90 11.37 7.93
CA ASN A 82 15.48 9.96 8.09
C ASN A 82 14.25 9.91 8.99
N VAL A 83 13.22 9.21 8.54
CA VAL A 83 12.06 8.79 9.38
C VAL A 83 12.09 7.29 9.49
N PRO A 84 12.23 6.70 10.70
CA PRO A 84 12.38 5.26 10.81
C PRO A 84 11.01 4.56 10.69
N PRO A 85 10.96 3.33 10.22
CA PRO A 85 9.70 2.61 10.05
C PRO A 85 9.00 2.14 11.34
N GLU A 86 7.68 2.03 11.28
CA GLU A 86 6.86 1.18 12.18
C GLU A 86 6.79 -0.21 11.58
N VAL A 87 6.94 -1.28 12.34
CA VAL A 87 6.99 -2.64 11.76
C VAL A 87 5.99 -3.55 12.50
N THR A 88 5.22 -4.33 11.74
CA THR A 88 4.19 -5.25 12.29
C THR A 88 4.36 -6.60 11.61
N VAL A 89 4.20 -7.70 12.35
CA VAL A 89 4.20 -9.06 11.76
C VAL A 89 2.83 -9.66 12.03
N LEU A 90 2.18 -10.18 11.01
CA LEU A 90 0.97 -10.96 11.30
C LEU A 90 0.78 -12.01 10.21
N THR A 91 -0.15 -12.94 10.39
CA THR A 91 -0.38 -13.99 9.38
C THR A 91 -1.52 -13.54 8.43
N ASN A 92 -1.60 -14.22 7.30
CA ASN A 92 -2.60 -13.93 6.24
C ASN A 92 -3.97 -14.43 6.77
N SER A 93 -3.98 -15.38 7.67
CA SER A 93 -5.22 -16.00 8.21
C SER A 93 -4.92 -16.69 9.54
N PRO A 94 -5.98 -17.08 10.30
CA PRO A 94 -5.82 -17.75 11.59
C PRO A 94 -4.93 -18.99 11.42
N VAL A 95 -4.09 -19.28 12.39
CA VAL A 95 -3.09 -20.37 12.25
C VAL A 95 -3.78 -21.67 12.68
N GLU A 96 -3.57 -22.70 11.87
CA GLU A 96 -3.97 -24.10 12.15
C GLU A 96 -2.69 -24.92 11.96
N LEU A 97 -2.34 -25.73 12.95
CA LEU A 97 -1.13 -26.60 12.93
C LEU A 97 -1.08 -27.39 11.62
N ARG A 98 0.06 -27.33 10.92
CA ARG A 98 0.38 -28.12 9.71
C ARG A 98 -0.53 -27.70 8.53
N GLU A 99 -1.22 -26.54 8.61
CA GLU A 99 -1.98 -25.95 7.46
C GLU A 99 -1.23 -24.72 6.92
N PRO A 100 -0.84 -24.72 5.63
CA PRO A 100 -0.04 -23.64 5.06
C PRO A 100 -0.63 -22.23 5.29
N ASN A 101 0.23 -21.27 5.55
CA ASN A 101 -0.15 -19.89 5.92
C ASN A 101 0.99 -19.00 5.42
N VAL A 102 0.88 -17.71 5.65
CA VAL A 102 1.90 -16.74 5.17
C VAL A 102 2.12 -15.73 6.28
N LEU A 103 3.37 -15.55 6.67
CA LEU A 103 3.74 -14.42 7.55
C LEU A 103 3.94 -13.18 6.68
N ILE A 104 3.35 -12.07 7.12
CA ILE A 104 3.48 -10.73 6.52
C ILE A 104 4.31 -9.86 7.47
N CYS A 105 5.37 -9.28 6.94
CA CYS A 105 6.12 -8.19 7.60
C CYS A 105 5.75 -6.86 6.94
N PHE A 106 4.99 -6.03 7.64
CA PHE A 106 4.52 -4.72 7.13
C PHE A 106 5.44 -3.63 7.67
N ILE A 107 6.13 -2.98 6.77
CA ILE A 107 7.11 -1.89 7.06
C ILE A 107 6.50 -0.57 6.62
N ASP A 108 6.20 0.32 7.56
CA ASP A 108 5.36 1.51 7.26
C ASP A 108 5.98 2.82 7.76
N LYS A 109 5.58 3.94 7.14
CA LYS A 109 5.77 5.33 7.61
C LYS A 109 7.27 5.67 7.62
N PHE A 110 8.01 5.32 6.55
CA PHE A 110 9.47 5.57 6.57
C PHE A 110 9.95 6.35 5.32
N THR A 111 11.15 6.92 5.44
CA THR A 111 11.88 7.53 4.30
C THR A 111 13.31 7.73 4.76
N PRO A 112 14.33 7.68 3.88
CA PRO A 112 14.18 7.40 2.45
C PRO A 112 13.86 5.94 2.13
N PRO A 113 13.47 5.65 0.87
CA PRO A 113 13.05 4.31 0.47
C PRO A 113 14.23 3.38 0.26
N VAL A 114 14.90 3.06 1.37
CA VAL A 114 15.98 2.04 1.42
C VAL A 114 15.81 1.30 2.76
N VAL A 115 15.65 -0.02 2.72
CA VAL A 115 15.48 -0.88 3.93
C VAL A 115 16.15 -2.22 3.66
N ASN A 116 16.66 -2.87 4.68
CA ASN A 116 17.19 -4.24 4.53
C ASN A 116 16.29 -5.11 5.42
N VAL A 117 15.56 -6.06 4.84
CA VAL A 117 14.57 -6.91 5.57
C VAL A 117 15.01 -8.37 5.48
N THR A 118 15.06 -9.08 6.60
CA THR A 118 15.51 -10.49 6.66
C THR A 118 14.40 -11.26 7.41
N TRP A 119 14.12 -12.48 7.06
CA TRP A 119 13.28 -13.35 7.91
C TRP A 119 14.21 -14.29 8.70
N LEU A 120 13.87 -14.57 9.96
CA LEU A 120 14.57 -15.58 10.80
C LEU A 120 13.58 -16.65 11.24
N ARG A 121 13.97 -17.91 11.12
CA ARG A 121 13.30 -19.07 11.75
C ARG A 121 14.23 -19.69 12.79
N ASN A 122 13.77 -19.77 14.02
CA ASN A 122 14.57 -20.29 15.17
C ASN A 122 15.95 -19.61 15.19
N GLY A 123 15.98 -18.28 14.96
CA GLY A 123 17.17 -17.43 15.09
C GLY A 123 18.03 -17.34 13.82
N LYS A 124 17.77 -18.17 12.79
CA LYS A 124 18.62 -18.24 11.57
C LYS A 124 17.88 -17.70 10.37
N PRO A 125 18.57 -16.92 9.51
CA PRO A 125 17.99 -16.40 8.27
C PRO A 125 17.41 -17.51 7.37
N VAL A 126 16.23 -17.25 6.81
CA VAL A 126 15.55 -18.19 5.88
C VAL A 126 15.16 -17.39 4.64
N THR A 127 15.39 -17.96 3.45
CA THR A 127 14.98 -17.32 2.17
C THR A 127 14.04 -18.20 1.34
N THR A 128 13.70 -19.41 1.74
CA THR A 128 12.95 -20.29 0.81
C THR A 128 11.52 -19.74 0.69
N GLY A 129 11.11 -19.41 -0.53
CA GLY A 129 9.75 -19.02 -0.88
C GLY A 129 9.42 -17.59 -0.52
N VAL A 130 10.39 -16.78 -0.07
CA VAL A 130 10.10 -15.38 0.35
C VAL A 130 9.79 -14.52 -0.88
N SER A 131 9.08 -13.40 -0.70
CA SER A 131 8.78 -12.44 -1.77
C SER A 131 8.60 -11.08 -1.09
N GLU A 132 8.68 -10.02 -1.87
CA GLU A 132 8.49 -8.65 -1.32
C GLU A 132 7.81 -7.76 -2.38
N THR A 133 7.27 -6.62 -1.96
CA THR A 133 6.79 -5.57 -2.86
C THR A 133 7.90 -4.53 -3.04
N VAL A 134 7.71 -3.67 -4.03
CA VAL A 134 8.49 -2.41 -4.17
C VAL A 134 8.01 -1.44 -3.08
N PHE A 135 8.56 -0.25 -3.04
CA PHE A 135 8.17 0.82 -2.10
C PHE A 135 6.85 1.44 -2.55
N LEU A 136 5.83 1.49 -1.68
CA LEU A 136 4.47 1.95 -2.00
C LEU A 136 4.29 3.32 -1.38
N PRO A 137 3.62 4.23 -2.09
CA PRO A 137 3.50 5.61 -1.64
C PRO A 137 2.46 5.78 -0.54
N ARG A 138 2.60 6.86 0.23
CA ARG A 138 1.68 7.30 1.28
C ARG A 138 1.35 8.77 1.00
N GLU A 139 0.21 9.25 1.49
CA GLU A 139 -0.23 10.68 1.32
C GLU A 139 0.69 11.64 2.09
N ASP A 140 1.38 11.20 3.15
CA ASP A 140 2.37 12.07 3.86
C ASP A 140 3.75 12.02 3.17
N HIS A 141 3.85 11.28 2.05
CA HIS A 141 5.02 11.18 1.14
C HIS A 141 6.11 10.30 1.79
N LEU A 142 5.77 9.58 2.86
CA LEU A 142 6.57 8.44 3.35
C LEU A 142 6.24 7.23 2.50
N PHE A 143 6.84 6.10 2.83
CA PHE A 143 6.69 4.83 2.10
C PHE A 143 6.16 3.71 3.00
N ARG A 144 5.65 2.66 2.34
CA ARG A 144 5.17 1.35 2.90
C ARG A 144 5.87 0.26 2.08
N LYS A 145 6.03 -0.91 2.66
CA LYS A 145 6.55 -2.10 1.95
C LYS A 145 6.01 -3.35 2.65
N PHE A 146 5.91 -4.48 1.94
CA PHE A 146 5.50 -5.76 2.53
C PHE A 146 6.51 -6.82 2.11
N HIS A 147 6.83 -7.67 3.07
CA HIS A 147 7.64 -8.90 2.81
C HIS A 147 6.78 -10.08 3.26
N TYR A 148 6.97 -11.23 2.66
CA TYR A 148 6.10 -12.38 2.88
C TYR A 148 6.94 -13.63 3.05
N LEU A 149 6.53 -14.50 4.00
CA LEU A 149 7.18 -15.82 4.17
C LEU A 149 6.11 -16.91 4.31
N PRO A 150 5.96 -17.77 3.29
CA PRO A 150 5.09 -18.94 3.39
C PRO A 150 5.66 -19.91 4.42
N PHE A 151 4.81 -20.54 5.23
CA PHE A 151 5.26 -21.50 6.24
C PHE A 151 4.13 -22.43 6.66
N LEU A 152 4.56 -23.56 7.23
CA LEU A 152 3.73 -24.60 7.85
C LEU A 152 3.77 -24.39 9.37
N PRO A 153 2.70 -23.86 9.98
CA PRO A 153 2.71 -23.59 11.42
C PRO A 153 3.05 -24.85 12.23
N SER A 154 3.92 -24.71 13.24
CA SER A 154 4.26 -25.76 14.22
C SER A 154 4.35 -25.14 15.62
N THR A 155 4.26 -25.94 16.68
CA THR A 155 4.53 -25.44 18.06
C THR A 155 6.05 -25.31 18.32
N GLU A 156 6.92 -25.88 17.46
CA GLU A 156 8.40 -25.93 17.67
C GLU A 156 9.05 -24.63 17.19
N ASP A 157 8.54 -24.02 16.11
CA ASP A 157 9.30 -22.98 15.35
C ASP A 157 8.93 -21.58 15.84
N VAL A 158 9.88 -20.64 15.88
CA VAL A 158 9.58 -19.22 16.15
C VAL A 158 10.17 -18.41 15.00
N TYR A 159 9.64 -17.23 14.74
CA TYR A 159 10.01 -16.40 13.57
C TYR A 159 10.29 -14.98 14.01
N ASP A 160 11.14 -14.31 13.26
CA ASP A 160 11.26 -12.85 13.40
C ASP A 160 11.37 -12.25 12.00
N CYS A 161 10.89 -11.04 11.88
N CYS A 161 10.91 -11.03 11.80
CA CYS A 161 11.24 -10.08 10.81
CA CYS A 161 11.38 -10.23 10.65
C CYS A 161 12.36 -9.18 11.35
C CYS A 161 12.28 -9.11 11.21
N ARG A 162 13.47 -9.02 10.64
CA ARG A 162 14.57 -8.11 11.02
C ARG A 162 14.60 -6.93 10.02
N VAL A 163 14.50 -5.71 10.52
CA VAL A 163 14.40 -4.49 9.68
C VAL A 163 15.56 -3.55 10.03
N GLU A 164 16.29 -3.15 8.99
CA GLU A 164 17.40 -2.17 9.10
C GLU A 164 17.04 -0.93 8.31
N HIS A 165 17.10 0.25 8.94
CA HIS A 165 16.86 1.56 8.26
C HIS A 165 17.75 2.64 8.90
N TRP A 166 18.20 3.63 8.12
CA TRP A 166 19.14 4.66 8.62
C TRP A 166 18.50 5.49 9.73
N GLY A 167 17.18 5.52 9.84
CA GLY A 167 16.50 6.34 10.86
C GLY A 167 16.49 5.62 12.22
N LEU A 168 16.81 4.34 12.22
CA LEU A 168 16.79 3.50 13.48
C LEU A 168 18.17 3.57 14.15
N ASP A 169 18.23 3.64 15.48
CA ASP A 169 19.50 3.54 16.26
C ASP A 169 20.09 2.13 16.10
N GLU A 170 19.24 1.12 16.01
CA GLU A 170 19.63 -0.32 15.97
C GLU A 170 18.66 -1.07 15.08
N PRO A 171 19.06 -2.21 14.51
CA PRO A 171 18.12 -3.02 13.74
C PRO A 171 17.02 -3.54 14.64
N LEU A 172 15.81 -3.61 14.09
CA LEU A 172 14.58 -4.00 14.84
C LEU A 172 14.31 -5.47 14.59
N LEU A 173 13.74 -6.16 15.58
CA LEU A 173 13.19 -7.51 15.43
C LEU A 173 11.72 -7.41 15.79
N LYS A 174 10.86 -8.01 14.96
CA LYS A 174 9.43 -8.26 15.37
C LYS A 174 9.19 -9.75 15.36
N HIS A 175 8.83 -10.29 16.51
CA HIS A 175 8.78 -11.74 16.81
C HIS A 175 7.36 -12.27 16.50
N TRP A 176 7.27 -13.54 16.09
CA TRP A 176 5.97 -14.26 15.99
C TRP A 176 6.18 -15.70 16.43
N GLU A 177 5.28 -16.22 17.25
CA GLU A 177 5.27 -17.67 17.47
C GLU A 177 3.84 -18.11 17.77
N PHE A 178 3.61 -19.39 17.64
CA PHE A 178 2.31 -20.04 17.94
C PHE A 178 2.57 -20.91 19.15
N ASP A 179 1.96 -20.59 20.30
CA ASP A 179 2.19 -21.26 21.63
C ASP A 179 1.14 -22.33 21.95
N ALA A 180 1.39 -23.04 23.05
CA ALA A 180 0.47 -23.93 23.77
C ALA A 180 0.24 -25.21 22.96
N MET B 1 24.03 -0.61 9.39
CA MET B 1 24.77 -0.07 8.20
C MET B 1 25.31 1.32 8.54
N GLY B 2 26.59 1.50 8.21
CA GLY B 2 27.39 2.66 8.61
C GLY B 2 27.48 3.68 7.49
N ASP B 3 26.61 3.59 6.48
CA ASP B 3 26.63 4.52 5.32
C ASP B 3 25.90 5.77 5.77
N THR B 4 26.62 6.80 6.17
CA THR B 4 26.05 8.05 6.75
C THR B 4 26.01 9.17 5.70
N ARG B 5 26.27 8.88 4.43
CA ARG B 5 26.20 9.92 3.37
C ARG B 5 24.80 10.51 3.31
N PRO B 6 24.68 11.84 3.06
CA PRO B 6 23.37 12.47 2.92
C PRO B 6 22.62 11.90 1.69
N ARG B 7 21.32 11.77 1.84
CA ARG B 7 20.37 11.36 0.77
C ARG B 7 19.55 12.55 0.28
N PHE B 8 19.23 12.52 -1.02
CA PHE B 8 18.39 13.49 -1.75
C PHE B 8 17.33 12.73 -2.56
N LEU B 9 16.06 13.08 -2.35
CA LEU B 9 14.92 12.32 -2.89
C LEU B 9 14.02 13.25 -3.69
N TRP B 10 13.64 12.80 -4.86
CA TRP B 10 12.66 13.50 -5.74
C TRP B 10 11.54 12.52 -6.06
N GLN B 11 10.32 12.94 -5.73
CA GLN B 11 9.12 12.12 -6.04
C GLN B 11 8.17 12.89 -6.97
N LEU B 12 7.51 12.15 -7.85
CA LEU B 12 6.44 12.71 -8.71
C LEU B 12 5.19 11.84 -8.54
N LYS B 13 4.05 12.48 -8.31
CA LYS B 13 2.75 11.79 -8.14
C LYS B 13 1.75 12.47 -9.06
N PHE B 14 1.17 11.67 -9.94
CA PHE B 14 0.04 12.04 -10.82
C PHE B 14 -1.21 11.34 -10.28
N GLU B 15 -2.09 12.07 -9.57
CA GLU B 15 -3.26 11.49 -8.87
C GLU B 15 -4.52 11.77 -9.72
N CYS B 16 -5.18 10.70 -10.17
CA CYS B 16 -6.51 10.78 -10.83
C CYS B 16 -7.59 10.48 -9.80
N HIS B 17 -8.37 11.51 -9.42
CA HIS B 17 -9.47 11.43 -8.44
C HIS B 17 -10.79 11.29 -9.23
N PHE B 18 -11.53 10.22 -8.96
CA PHE B 18 -12.82 9.89 -9.64
C PHE B 18 -13.98 10.03 -8.66
N PHE B 19 -15.07 10.70 -9.07
CA PHE B 19 -16.34 10.86 -8.30
C PHE B 19 -17.47 10.33 -9.21
N ASN B 20 -18.22 9.32 -8.75
CA ASN B 20 -19.32 8.65 -9.50
C ASN B 20 -18.79 8.14 -10.84
N GLY B 21 -17.87 7.17 -10.81
CA GLY B 21 -17.08 6.72 -11.97
C GLY B 21 -16.29 7.86 -12.57
N THR B 22 -16.49 8.14 -13.86
CA THR B 22 -15.74 9.20 -14.62
C THR B 22 -16.61 10.47 -14.77
N GLU B 23 -17.68 10.64 -13.98
CA GLU B 23 -18.58 11.82 -14.08
C GLU B 23 -17.79 13.09 -13.72
N ARG B 24 -17.17 13.11 -12.53
CA ARG B 24 -16.23 14.17 -12.09
C ARG B 24 -14.83 13.55 -12.01
N VAL B 25 -13.86 14.17 -12.68
CA VAL B 25 -12.42 13.75 -12.62
C VAL B 25 -11.56 14.98 -12.28
N ARG B 26 -10.65 14.83 -11.32
CA ARG B 26 -9.65 15.85 -10.94
C ARG B 26 -8.27 15.19 -11.04
N LEU B 27 -7.35 15.83 -11.78
CA LEU B 27 -5.92 15.43 -11.88
C LEU B 27 -5.12 16.36 -10.97
N LEU B 28 -4.31 15.75 -10.11
CA LEU B 28 -3.34 16.45 -9.24
C LEU B 28 -1.95 15.94 -9.56
N GLU B 29 -1.10 16.79 -10.12
CA GLU B 29 0.31 16.44 -10.44
C GLU B 29 1.21 17.08 -9.37
N ARG B 30 1.98 16.27 -8.65
CA ARG B 30 2.66 16.73 -7.40
C ARG B 30 4.15 16.38 -7.46
N CSO B 31 4.96 17.39 -7.12
CA CSO B 31 6.41 17.27 -7.06
CB CSO B 31 7.15 18.34 -7.83
SG CSO B 31 6.90 18.41 -9.63
C CSO B 31 6.80 17.41 -5.60
O CSO B 31 6.42 18.38 -4.95
OD CSO B 31 5.33 18.60 -10.14
N ILE B 32 7.60 16.45 -5.11
CA ILE B 32 7.97 16.39 -3.72
C ILE B 32 9.49 16.24 -3.63
N TYR B 33 10.14 17.21 -2.97
CA TYR B 33 11.60 17.15 -2.73
C TYR B 33 11.81 16.71 -1.27
N ASN B 34 12.48 15.57 -1.08
CA ASN B 34 12.75 15.05 0.29
C ASN B 34 11.38 14.70 0.87
N GLN B 35 10.84 15.44 1.82
CA GLN B 35 9.45 15.08 2.23
C GLN B 35 8.50 16.27 2.01
N GLU B 36 8.88 17.28 1.23
CA GLU B 36 8.14 18.56 1.15
C GLU B 36 7.62 18.74 -0.29
N GLU B 37 6.30 18.72 -0.48
CA GLU B 37 5.65 19.10 -1.75
C GLU B 37 6.03 20.55 -2.08
N SER B 38 6.62 20.78 -3.25
CA SER B 38 7.19 22.10 -3.65
C SER B 38 6.29 22.82 -4.67
N VAL B 39 5.67 22.08 -5.60
CA VAL B 39 4.91 22.63 -6.76
C VAL B 39 3.88 21.58 -7.24
N ARG B 40 2.75 22.05 -7.77
CA ARG B 40 1.68 21.14 -8.24
C ARG B 40 0.83 21.77 -9.32
N PHE B 41 0.31 20.91 -10.21
CA PHE B 41 -0.78 21.20 -11.18
C PHE B 41 -2.06 20.55 -10.68
N ASP B 42 -3.09 21.37 -10.44
CA ASP B 42 -4.48 20.96 -10.09
C ASP B 42 -5.39 21.25 -11.29
N SER B 43 -5.97 20.25 -11.96
CA SER B 43 -6.80 20.51 -13.17
C SER B 43 -7.95 21.48 -12.86
N ASP B 44 -8.40 21.55 -11.60
CA ASP B 44 -9.45 22.53 -11.19
C ASP B 44 -8.91 23.96 -11.36
N VAL B 45 -7.62 24.20 -11.06
CA VAL B 45 -6.97 25.55 -11.14
C VAL B 45 -6.55 25.82 -12.60
N GLY B 46 -5.94 24.84 -13.26
CA GLY B 46 -5.58 24.91 -14.69
C GLY B 46 -4.18 25.42 -14.95
N GLU B 47 -3.40 25.73 -13.89
CA GLU B 47 -1.94 25.99 -14.07
C GLU B 47 -1.16 25.50 -12.83
N TYR B 48 0.17 25.53 -12.92
CA TYR B 48 1.09 25.16 -11.82
C TYR B 48 1.10 26.26 -10.76
N ARG B 49 1.12 25.87 -9.49
CA ARG B 49 1.21 26.80 -8.32
C ARG B 49 2.35 26.29 -7.43
N ALA B 50 3.24 27.16 -6.96
CA ALA B 50 4.28 26.81 -5.96
C ALA B 50 3.59 26.57 -4.62
N VAL B 51 3.92 25.48 -3.92
CA VAL B 51 3.39 25.30 -2.53
C VAL B 51 4.49 25.71 -1.55
N THR B 52 5.75 25.74 -1.97
CA THR B 52 6.87 26.32 -1.17
C THR B 52 7.74 27.18 -2.08
N GLU B 53 8.59 28.03 -1.50
CA GLU B 53 9.53 28.89 -2.28
C GLU B 53 10.36 28.02 -3.22
N LEU B 54 10.80 26.84 -2.78
CA LEU B 54 11.64 25.94 -3.61
C LEU B 54 10.99 25.74 -4.99
N GLY B 55 9.66 25.66 -5.05
CA GLY B 55 8.93 25.32 -6.27
C GLY B 55 8.66 26.52 -7.17
N ARG B 56 8.81 27.77 -6.69
CA ARG B 56 8.51 28.99 -7.50
C ARG B 56 9.13 28.91 -8.89
N PRO B 57 10.46 28.75 -9.03
CA PRO B 57 11.07 28.73 -10.36
C PRO B 57 10.40 27.73 -11.30
N ASP B 58 9.85 26.60 -10.81
CA ASP B 58 9.27 25.54 -11.70
C ASP B 58 7.86 25.95 -12.19
N ALA B 59 7.02 26.48 -11.29
CA ALA B 59 5.66 27.02 -11.58
C ALA B 59 5.77 28.12 -12.65
N GLU B 60 6.75 29.00 -12.53
CA GLU B 60 7.02 30.09 -13.52
C GLU B 60 7.46 29.49 -14.85
N TYR B 61 8.46 28.60 -14.84
CA TYR B 61 9.01 27.98 -16.07
C TYR B 61 7.93 27.16 -16.78
N TRP B 62 7.10 26.41 -16.05
CA TRP B 62 6.10 25.47 -16.65
C TRP B 62 4.85 26.20 -17.16
N ASN B 63 4.39 27.20 -16.39
CA ASN B 63 3.20 28.03 -16.67
C ASN B 63 3.43 28.85 -17.95
N SER B 64 4.68 29.06 -18.36
CA SER B 64 5.00 29.90 -19.55
C SER B 64 5.14 29.02 -20.80
N GLN B 65 4.87 27.70 -20.69
CA GLN B 65 4.88 26.73 -21.82
C GLN B 65 3.42 26.42 -22.18
N LYS B 66 2.85 27.13 -23.17
CA LYS B 66 1.40 27.14 -23.49
C LYS B 66 0.93 25.72 -23.83
N ASP B 67 1.72 24.94 -24.57
CA ASP B 67 1.34 23.59 -25.07
C ASP B 67 1.39 22.58 -23.92
N LEU B 68 2.40 22.68 -23.04
CA LEU B 68 2.46 21.81 -21.83
C LEU B 68 1.16 22.02 -21.04
N LEU B 69 0.79 23.28 -20.73
CA LEU B 69 -0.47 23.61 -19.99
C LEU B 69 -1.68 23.03 -20.73
N GLU B 70 -1.68 23.06 -22.06
CA GLU B 70 -2.78 22.49 -22.89
C GLU B 70 -2.83 20.97 -22.67
N GLN B 71 -1.72 20.26 -22.82
CA GLN B 71 -1.63 18.77 -22.69
C GLN B 71 -2.10 18.34 -21.29
N ARG B 72 -1.64 19.07 -20.26
CA ARG B 72 -2.00 18.84 -18.84
C ARG B 72 -3.51 19.06 -18.66
N ARG B 73 -4.05 20.13 -19.26
CA ARG B 73 -5.49 20.45 -19.20
C ARG B 73 -6.33 19.31 -19.79
N ALA B 74 -5.89 18.74 -20.92
CA ALA B 74 -6.62 17.66 -21.62
C ALA B 74 -6.45 16.29 -20.92
N ALA B 75 -5.41 16.16 -20.09
CA ALA B 75 -5.02 14.88 -19.44
C ALA B 75 -6.20 14.27 -18.68
N VAL B 76 -7.07 15.08 -18.09
CA VAL B 76 -8.25 14.53 -17.36
C VAL B 76 -8.96 13.51 -18.27
N ASP B 77 -8.91 13.70 -19.61
CA ASP B 77 -9.52 12.77 -20.60
C ASP B 77 -8.50 11.80 -21.16
N THR B 78 -7.36 12.28 -21.65
CA THR B 78 -6.39 11.44 -22.40
C THR B 78 -5.67 10.51 -21.40
N TYR B 79 -5.71 10.81 -20.11
CA TYR B 79 -4.91 10.07 -19.10
C TYR B 79 -5.85 9.42 -18.06
N CYS B 80 -6.52 10.20 -17.23
CA CYS B 80 -7.38 9.73 -16.13
C CYS B 80 -8.55 8.89 -16.68
N ARG B 81 -9.40 9.44 -17.54
CA ARG B 81 -10.58 8.69 -18.07
C ARG B 81 -10.08 7.50 -18.89
N HIS B 82 -9.00 7.65 -19.65
CA HIS B 82 -8.47 6.56 -20.49
C HIS B 82 -8.09 5.36 -19.59
N ASN B 83 -7.32 5.64 -18.55
CA ASN B 83 -6.72 4.61 -17.65
C ASN B 83 -7.84 3.97 -16.82
N TYR B 84 -8.86 4.73 -16.44
CA TYR B 84 -10.03 4.22 -15.68
C TYR B 84 -10.75 3.14 -16.51
N GLY B 85 -10.98 3.35 -17.82
CA GLY B 85 -11.64 2.35 -18.69
C GLY B 85 -10.74 1.14 -18.90
N VAL B 86 -9.44 1.32 -19.02
CA VAL B 86 -8.50 0.17 -19.20
C VAL B 86 -8.54 -0.69 -17.92
N GLY B 87 -8.57 -0.08 -16.75
CA GLY B 87 -8.34 -0.78 -15.46
C GLY B 87 -9.65 -1.18 -14.78
N GLU B 88 -10.78 -0.65 -15.27
CA GLU B 88 -12.07 -0.70 -14.54
C GLU B 88 -12.44 -2.15 -14.22
N SER B 89 -12.30 -3.06 -15.18
CA SER B 89 -12.76 -4.47 -15.05
C SER B 89 -12.03 -5.22 -13.90
N PHE B 90 -10.77 -4.90 -13.60
CA PHE B 90 -9.98 -5.69 -12.62
C PHE B 90 -9.64 -4.90 -11.38
N THR B 91 -10.14 -3.67 -11.24
CA THR B 91 -9.88 -2.81 -10.06
C THR B 91 -11.20 -2.39 -9.44
N VAL B 92 -11.92 -1.49 -10.11
CA VAL B 92 -13.21 -0.96 -9.63
C VAL B 92 -14.17 -2.14 -9.40
N GLN B 93 -14.12 -3.17 -10.26
CA GLN B 93 -15.14 -4.25 -10.33
C GLN B 93 -14.63 -5.48 -9.59
N ARG B 94 -13.44 -5.42 -9.03
CA ARG B 94 -12.88 -6.58 -8.29
C ARG B 94 -13.77 -6.87 -7.07
N ARG B 95 -14.11 -8.13 -6.89
CA ARG B 95 -14.85 -8.59 -5.68
C ARG B 95 -14.31 -9.93 -5.22
N VAL B 96 -13.96 -10.04 -3.93
CA VAL B 96 -13.39 -11.30 -3.35
C VAL B 96 -14.08 -11.49 -2.01
N GLU B 97 -14.72 -12.65 -1.85
CA GLU B 97 -15.52 -12.98 -0.67
C GLU B 97 -14.62 -13.35 0.52
N PRO B 98 -14.89 -12.78 1.71
CA PRO B 98 -14.17 -13.18 2.91
C PRO B 98 -14.34 -14.66 3.34
N LYS B 99 -13.31 -15.26 3.93
CA LYS B 99 -13.41 -16.43 4.85
C LYS B 99 -13.66 -15.93 6.28
N VAL B 100 -14.73 -16.41 6.92
CA VAL B 100 -15.11 -16.05 8.31
C VAL B 100 -14.94 -17.29 9.20
N THR B 101 -14.31 -17.05 10.34
CA THR B 101 -13.89 -18.03 11.38
C THR B 101 -14.24 -17.43 12.74
N VAL B 102 -14.77 -18.22 13.68
CA VAL B 102 -14.92 -17.79 15.10
C VAL B 102 -14.18 -18.79 15.98
N TYR B 103 -13.42 -18.31 16.94
CA TYR B 103 -12.63 -19.14 17.89
C TYR B 103 -12.35 -18.33 19.14
N PRO B 104 -12.15 -18.99 20.30
CA PRO B 104 -11.71 -18.30 21.51
C PRO B 104 -10.25 -17.85 21.29
N SER B 105 -9.92 -16.64 21.70
CA SER B 105 -8.52 -16.13 21.68
C SER B 105 -7.61 -17.11 22.43
N LYS B 106 -6.45 -17.43 21.87
CA LYS B 106 -5.38 -18.23 22.54
C LYS B 106 -4.86 -17.44 23.75
N THR B 107 -5.16 -16.15 23.84
CA THR B 107 -4.80 -15.26 24.97
C THR B 107 -6.09 -14.75 25.63
N GLN B 108 -6.24 -14.98 26.94
CA GLN B 108 -7.39 -14.53 27.76
C GLN B 108 -6.85 -13.57 28.81
N PRO B 109 -6.99 -12.24 28.60
CA PRO B 109 -6.46 -11.27 29.56
C PRO B 109 -7.38 -10.89 30.75
N LEU B 110 -8.68 -11.19 30.68
CA LEU B 110 -9.72 -10.71 31.66
C LEU B 110 -10.45 -11.87 32.34
N GLN B 111 -10.47 -11.91 33.69
CA GLN B 111 -11.07 -13.00 34.52
C GLN B 111 -12.61 -13.02 34.38
N HIS B 112 -13.23 -14.19 34.56
CA HIS B 112 -14.69 -14.45 34.43
C HIS B 112 -15.17 -14.12 33.01
N HIS B 113 -14.25 -13.96 32.05
CA HIS B 113 -14.53 -13.43 30.68
C HIS B 113 -13.94 -14.37 29.64
N ASN B 114 -14.76 -14.74 28.66
CA ASN B 114 -14.33 -15.48 27.44
C ASN B 114 -14.25 -14.49 26.27
N LEU B 115 -13.03 -14.19 25.82
CA LEU B 115 -12.73 -13.32 24.64
C LEU B 115 -12.88 -14.14 23.36
N LEU B 116 -13.88 -13.81 22.55
CA LEU B 116 -14.15 -14.56 21.28
C LEU B 116 -13.64 -13.73 20.11
N VAL B 117 -13.06 -14.39 19.12
CA VAL B 117 -12.51 -13.71 17.94
C VAL B 117 -13.37 -14.07 16.73
N CYS B 118 -13.85 -13.06 16.02
CA CYS B 118 -14.39 -13.21 14.65
C CYS B 118 -13.33 -12.77 13.62
N SER B 119 -12.74 -13.72 12.92
CA SER B 119 -11.72 -13.43 11.90
C SER B 119 -12.40 -13.33 10.53
N VAL B 120 -12.12 -12.24 9.80
CA VAL B 120 -12.62 -12.03 8.42
C VAL B 120 -11.41 -11.81 7.53
N SER B 121 -11.11 -12.81 6.69
CA SER B 121 -9.84 -12.92 5.94
C SER B 121 -10.09 -12.84 4.43
N GLY B 122 -9.25 -12.13 3.72
CA GLY B 122 -9.06 -12.36 2.28
C GLY B 122 -10.09 -11.64 1.41
N PHE B 123 -10.68 -10.55 1.88
CA PHE B 123 -11.76 -9.86 1.15
C PHE B 123 -11.26 -8.64 0.37
N TYR B 124 -12.06 -8.29 -0.62
CA TYR B 124 -11.84 -7.08 -1.47
C TYR B 124 -13.20 -6.69 -2.06
N PRO B 125 -13.59 -5.40 -2.06
CA PRO B 125 -12.82 -4.32 -1.45
C PRO B 125 -12.95 -4.13 0.08
N GLY B 126 -12.49 -2.96 0.56
CA GLY B 126 -12.32 -2.65 1.99
C GLY B 126 -13.64 -2.50 2.75
N SER B 127 -14.69 -1.96 2.15
CA SER B 127 -15.98 -1.71 2.84
C SER B 127 -16.56 -3.01 3.39
N ILE B 128 -16.85 -3.05 4.69
CA ILE B 128 -17.33 -4.28 5.36
C ILE B 128 -18.04 -3.89 6.64
N GLU B 129 -19.03 -4.67 7.08
CA GLU B 129 -19.68 -4.53 8.39
C GLU B 129 -19.58 -5.87 9.11
N VAL B 130 -19.07 -5.86 10.33
CA VAL B 130 -18.96 -7.07 11.19
C VAL B 130 -19.73 -6.78 12.46
N ARG B 131 -20.73 -7.60 12.77
CA ARG B 131 -21.58 -7.40 13.95
C ARG B 131 -21.65 -8.70 14.75
N TRP B 132 -21.72 -8.57 16.07
CA TRP B 132 -21.91 -9.73 16.98
C TRP B 132 -23.38 -9.77 17.40
N PHE B 133 -23.90 -10.99 17.56
CA PHE B 133 -25.27 -11.27 18.05
C PHE B 133 -25.21 -12.39 19.09
N ARG B 134 -26.05 -12.29 20.10
CA ARG B 134 -26.20 -13.34 21.14
C ARG B 134 -27.68 -13.74 21.22
N ASN B 135 -27.98 -15.00 20.85
CA ASN B 135 -29.36 -15.54 20.64
C ASN B 135 -30.16 -14.53 19.77
N GLY B 136 -29.53 -13.98 18.72
CA GLY B 136 -30.13 -12.98 17.80
C GLY B 136 -30.46 -11.59 18.41
N GLN B 137 -29.98 -11.20 19.60
CA GLN B 137 -29.93 -9.76 20.01
C GLN B 137 -28.54 -9.18 19.69
N GLU B 138 -28.44 -7.96 19.13
CA GLU B 138 -27.10 -7.41 18.77
C GLU B 138 -26.34 -7.04 20.06
N GLU B 139 -25.05 -7.40 20.14
CA GLU B 139 -24.09 -7.03 21.22
C GLU B 139 -23.18 -5.93 20.72
N LYS B 140 -23.11 -4.79 21.42
CA LYS B 140 -22.26 -3.63 21.04
C LYS B 140 -21.23 -3.30 22.13
N ALA B 141 -21.58 -3.47 23.40
CA ALA B 141 -20.62 -3.38 24.51
C ALA B 141 -19.59 -4.51 24.35
N GLY B 142 -18.36 -4.28 24.80
CA GLY B 142 -17.31 -5.30 24.82
C GLY B 142 -16.87 -5.74 23.42
N VAL B 143 -17.05 -4.91 22.38
CA VAL B 143 -16.58 -5.20 20.99
C VAL B 143 -15.33 -4.38 20.70
N VAL B 144 -14.31 -5.00 20.13
CA VAL B 144 -13.00 -4.35 19.86
C VAL B 144 -12.49 -4.85 18.49
N SER B 145 -12.29 -3.94 17.53
CA SER B 145 -11.81 -4.27 16.16
C SER B 145 -10.33 -3.88 15.99
N THR B 146 -9.56 -4.69 15.26
CA THR B 146 -8.26 -4.26 14.65
C THR B 146 -8.48 -3.15 13.61
N GLY B 147 -9.72 -2.92 13.18
CA GLY B 147 -10.05 -2.19 11.93
C GLY B 147 -9.52 -2.90 10.68
N LEU B 148 -9.42 -2.15 9.59
CA LEU B 148 -9.14 -2.70 8.26
C LEU B 148 -7.62 -2.91 8.10
N ILE B 149 -7.18 -4.11 7.75
CA ILE B 149 -5.74 -4.39 7.52
C ILE B 149 -5.50 -4.75 6.05
N GLN B 150 -4.68 -3.95 5.33
CA GLN B 150 -4.33 -4.19 3.90
C GLN B 150 -3.20 -5.22 3.89
N ASN B 151 -3.34 -6.37 3.26
CA ASN B 151 -2.30 -7.43 3.21
C ASN B 151 -1.22 -7.10 2.15
N GLY B 152 -1.49 -6.17 1.24
CA GLY B 152 -0.57 -5.73 0.17
C GLY B 152 -0.74 -6.49 -1.13
N ASP B 153 -1.68 -7.44 -1.19
CA ASP B 153 -1.85 -8.39 -2.31
C ASP B 153 -3.29 -8.31 -2.86
N TRP B 154 -3.96 -7.16 -2.67
CA TRP B 154 -5.32 -6.89 -3.15
C TRP B 154 -6.31 -7.72 -2.28
N THR B 155 -5.95 -7.96 -1.03
CA THR B 155 -6.90 -8.52 -0.03
C THR B 155 -6.73 -7.76 1.29
N PHE B 156 -7.77 -7.87 2.11
CA PHE B 156 -7.88 -7.19 3.42
C PHE B 156 -8.17 -8.28 4.46
N GLN B 157 -7.87 -8.00 5.71
CA GLN B 157 -8.33 -8.83 6.86
C GLN B 157 -8.81 -7.88 7.95
N THR B 158 -9.64 -8.40 8.85
CA THR B 158 -10.02 -7.67 10.09
C THR B 158 -10.34 -8.72 11.17
N LEU B 159 -10.01 -8.44 12.43
CA LEU B 159 -10.36 -9.32 13.56
C LEU B 159 -11.26 -8.49 14.47
N VAL B 160 -12.45 -9.00 14.81
CA VAL B 160 -13.40 -8.29 15.70
C VAL B 160 -13.65 -9.20 16.92
N MET B 161 -13.14 -8.79 18.08
CA MET B 161 -13.18 -9.54 19.36
C MET B 161 -14.42 -9.12 20.12
N LEU B 162 -15.02 -10.09 20.80
CA LEU B 162 -16.12 -9.88 21.79
C LEU B 162 -15.66 -10.41 23.14
N GLU B 163 -15.64 -9.53 24.17
CA GLU B 163 -15.54 -9.91 25.59
C GLU B 163 -16.91 -10.48 26.01
N THR B 164 -16.98 -11.75 26.38
CA THR B 164 -18.26 -12.38 26.79
C THR B 164 -18.15 -12.79 28.26
N VAL B 165 -19.32 -12.97 28.89
CA VAL B 165 -19.47 -13.67 30.19
C VAL B 165 -20.24 -14.94 29.89
N PRO B 166 -19.61 -16.14 29.89
CA PRO B 166 -20.29 -17.35 29.43
C PRO B 166 -21.46 -17.75 30.34
N ARG B 167 -22.60 -18.05 29.72
CA ARG B 167 -23.84 -18.55 30.35
C ARG B 167 -24.18 -19.88 29.71
N SER B 168 -24.99 -20.69 30.38
CA SER B 168 -25.75 -21.80 29.75
C SER B 168 -26.73 -21.19 28.72
N GLY B 169 -27.03 -21.89 27.63
CA GLY B 169 -28.19 -21.56 26.78
C GLY B 169 -27.92 -20.45 25.78
N GLU B 170 -26.69 -20.34 25.33
CA GLU B 170 -26.24 -19.23 24.46
C GLU B 170 -25.64 -19.71 23.14
N VAL B 171 -25.98 -18.97 22.10
CA VAL B 171 -25.32 -19.08 20.77
C VAL B 171 -24.88 -17.65 20.40
N TYR B 172 -23.58 -17.50 20.13
CA TYR B 172 -22.98 -16.23 19.60
C TYR B 172 -22.84 -16.34 18.08
N THR B 173 -23.30 -15.32 17.37
CA THR B 173 -23.23 -15.24 15.89
C THR B 173 -22.46 -13.98 15.48
N CYS B 174 -21.40 -14.18 14.72
CA CYS B 174 -20.69 -13.15 13.92
C CYS B 174 -21.33 -13.01 12.54
N GLN B 175 -21.88 -11.86 12.22
CA GLN B 175 -22.55 -11.55 10.94
C GLN B 175 -21.72 -10.58 10.11
N VAL B 176 -21.45 -10.89 8.84
CA VAL B 176 -20.54 -10.09 7.96
C VAL B 176 -21.29 -9.66 6.70
N GLU B 177 -21.45 -8.36 6.46
CA GLU B 177 -22.02 -7.81 5.20
C GLU B 177 -20.87 -7.24 4.34
N HIS B 178 -20.82 -7.65 3.07
CA HIS B 178 -19.73 -7.30 2.12
C HIS B 178 -20.31 -7.34 0.70
N PRO B 179 -19.93 -6.35 -0.14
CA PRO B 179 -20.41 -6.27 -1.53
C PRO B 179 -20.23 -7.55 -2.35
N SER B 180 -19.32 -8.47 -1.98
CA SER B 180 -19.07 -9.73 -2.72
C SER B 180 -20.17 -10.78 -2.54
N VAL B 181 -21.04 -10.61 -1.55
CA VAL B 181 -22.10 -11.61 -1.24
C VAL B 181 -23.47 -10.89 -1.23
N THR B 182 -24.54 -11.55 -1.69
CA THR B 182 -25.89 -10.92 -1.80
C THR B 182 -26.61 -10.92 -0.44
N SER B 183 -26.38 -11.88 0.43
CA SER B 183 -26.90 -11.84 1.83
C SER B 183 -25.76 -12.04 2.83
N PRO B 184 -25.93 -11.65 4.12
CA PRO B 184 -24.84 -11.66 5.08
C PRO B 184 -24.27 -13.06 5.37
N LEU B 185 -22.95 -13.12 5.62
CA LEU B 185 -22.25 -14.37 6.05
C LEU B 185 -22.43 -14.48 7.56
N THR B 186 -22.70 -15.69 8.07
CA THR B 186 -22.92 -15.94 9.52
C THR B 186 -22.06 -17.12 9.97
N VAL B 187 -21.44 -17.00 11.14
CA VAL B 187 -20.70 -18.12 11.80
C VAL B 187 -21.08 -18.12 13.28
N GLU B 188 -21.50 -19.28 13.79
CA GLU B 188 -21.98 -19.46 15.17
C GLU B 188 -20.86 -20.06 16.03
N TRP B 189 -20.84 -19.69 17.31
CA TRP B 189 -20.04 -20.37 18.34
C TRP B 189 -20.92 -20.74 19.55
N ARG B 190 -20.78 -21.97 20.03
CA ARG B 190 -21.41 -22.53 21.27
C ARG B 190 -20.30 -23.06 22.18
N ALA B 191 -20.36 -22.73 23.48
CA ALA B 191 -19.59 -23.35 24.58
C ALA B 191 -19.41 -24.87 24.39
N GLN C 1 -4.65 -10.35 -29.36
CA GLN C 1 -5.91 -9.53 -29.18
C GLN C 1 -5.55 -8.02 -29.27
N ALA C 2 -6.57 -7.14 -29.29
CA ALA C 2 -6.44 -5.66 -29.23
C ALA C 2 -6.05 -5.24 -27.80
N ARG C 3 -4.85 -4.68 -27.66
CA ARG C 3 -4.20 -4.34 -26.37
C ARG C 3 -4.87 -3.10 -25.78
N GLN C 4 -5.30 -3.18 -24.52
CA GLN C 4 -5.77 -2.03 -23.72
C GLN C 4 -4.54 -1.41 -23.04
N MET C 5 -4.13 -0.20 -23.44
CA MET C 5 -2.82 0.41 -23.03
C MET C 5 -3.00 1.34 -21.84
N VAL C 6 -2.26 1.12 -20.75
CA VAL C 6 -2.13 2.17 -19.71
C VAL C 6 -1.26 3.28 -20.31
N GLN C 7 -1.65 4.53 -20.12
CA GLN C 7 -0.91 5.74 -20.52
C GLN C 7 -0.21 6.32 -19.29
N ALA C 8 1.07 6.72 -19.45
CA ALA C 8 1.87 7.41 -18.41
C ALA C 8 1.85 8.92 -18.69
N MET C 9 1.70 9.75 -17.67
CA MET C 9 2.07 11.17 -17.79
C MET C 9 3.60 11.22 -17.96
N ARG C 10 4.08 12.06 -18.88
CA ARG C 10 5.54 12.30 -19.13
C ARG C 10 6.02 13.35 -18.15
N THR C 11 7.09 13.02 -17.44
CA THR C 11 7.78 13.98 -16.57
C THR C 11 8.54 14.94 -17.51
N ILE C 12 8.73 16.17 -17.05
CA ILE C 12 9.36 17.29 -17.81
C ILE C 12 10.49 17.92 -16.97
N GLY C 13 11.50 18.49 -17.62
CA GLY C 13 12.66 19.09 -16.94
C GLY C 13 12.19 20.29 -16.13
N THR C 14 12.72 20.47 -14.92
CA THR C 14 12.43 21.61 -14.05
C THR C 14 13.16 22.85 -14.60
N HIS C 15 12.89 24.03 -14.05
CA HIS C 15 13.72 25.25 -14.27
C HIS C 15 15.21 24.91 -14.10
N PRO C 16 16.05 25.09 -15.14
CA PRO C 16 17.42 24.61 -15.08
C PRO C 16 18.18 25.23 -13.91
C1 PEG D . 20.67 -10.44 8.03
O1 PEG D . 19.78 -11.26 8.78
C2 PEG D . 20.70 -9.04 8.53
O2 PEG D . 21.92 -8.40 8.18
C3 PEG D . 23.04 -8.88 8.93
C4 PEG D . 24.01 -7.77 9.21
O4 PEG D . 23.43 -6.47 9.25
C1 EDO E . 19.96 11.20 -16.62
O1 EDO E . 19.13 12.05 -15.89
C2 EDO E . 19.46 9.82 -16.67
O2 EDO E . 20.42 8.82 -16.86
C1 EDO F . 23.48 4.78 -17.17
O1 EDO F . 24.55 3.89 -16.87
C2 EDO F . 23.96 6.12 -17.64
O2 EDO F . 24.80 6.81 -16.72
C1 GOL G . 20.44 0.99 7.01
O1 GOL G . 20.80 0.88 8.38
C2 GOL G . 20.11 -0.34 6.37
O2 GOL G . 21.21 -1.24 6.49
C3 GOL G . 19.70 -0.21 4.92
O3 GOL G . 19.40 1.14 4.59
C1 EDO H . -18.38 -6.13 -9.04
O1 EDO H . -17.90 -7.12 -9.92
C2 EDO H . -18.74 -4.79 -9.59
O2 EDO H . -18.80 -3.78 -8.61
C1 EDO I . 6.66 17.18 -13.49
O1 EDO I . 5.95 18.15 -12.75
C2 EDO I . 8.13 17.26 -13.24
O2 EDO I . 8.94 16.44 -14.05
S SO4 J . 5.14 27.92 -25.33
O1 SO4 J . 4.72 28.97 -24.42
O2 SO4 J . 5.53 28.51 -26.58
O3 SO4 J . 4.05 27.02 -25.54
O4 SO4 J . 6.26 27.21 -24.76
#